data_3W4S
#
_entry.id   3W4S
#
_cell.length_a   78.306
_cell.length_b   78.338
_cell.length_c   83.875
_cell.angle_alpha   90.00
_cell.angle_beta   90.00
_cell.angle_gamma   90.00
#
_symmetry.space_group_name_H-M   'P 21 21 21'
#
loop_
_entity.id
_entity.type
_entity.pdbx_description
1 polymer 'Carbohydrate/pyrimidine kinase, PfkB family'
2 non-polymer 'IODIDE ION'
3 water water
#
_entity_poly.entity_id   1
_entity_poly.type   'polypeptide(L)'
_entity_poly.pdbx_seq_one_letter_code
;MKCLVVGHVVRDIVKKGNKVLERLGGGAYYSALALSRFCDVEILTSFSNLPEEWIKELESMAKLQVVPSETTTTYELTYL
DGNRRRLKLLERASPIEELPDGEYDVLLMNPVAREVPPALVTSALKKFPFVAVDIQGFIRSSSPGEIQYQPIDGSFLKGV
KILHADLGEYQYLQGFSPEFVDVLLLSNGPEPGKAFLHGREYTFEPVHVGVDESTGAGDVFLGAFTGFYSQCPFVQALKR
AAAFTALFLKNRSVDFSMDDVNELAMKVEVKRV
;
_entity_poly.pdbx_strand_id   A,B
#
# COMPACT_ATOMS: atom_id res chain seq x y z
N MET A 1 13.83 8.11 -32.48
CA MET A 1 12.44 7.61 -32.31
C MET A 1 11.84 8.10 -30.98
N LYS A 2 10.56 8.46 -31.00
CA LYS A 2 9.86 8.91 -29.79
C LYS A 2 8.65 8.02 -29.53
N CYS A 3 8.55 7.51 -28.31
N CYS A 3 8.52 7.54 -28.30
CA CYS A 3 7.52 6.52 -27.93
CA CYS A 3 7.41 6.66 -27.99
C CYS A 3 6.71 7.06 -26.74
C CYS A 3 6.68 7.15 -26.76
N LEU A 4 5.39 6.87 -26.73
CA LEU A 4 4.58 7.16 -25.56
C LEU A 4 3.99 5.86 -25.06
N VAL A 5 4.19 5.56 -23.77
CA VAL A 5 3.61 4.36 -23.16
C VAL A 5 2.58 4.82 -22.16
N VAL A 6 1.38 4.23 -22.22
CA VAL A 6 0.26 4.74 -21.42
C VAL A 6 -0.27 3.68 -20.47
N GLY A 7 -0.35 4.00 -19.19
CA GLY A 7 -0.96 3.06 -18.22
C GLY A 7 -0.49 3.35 -16.81
N HIS A 8 -1.28 2.93 -15.82
CA HIS A 8 -0.87 3.07 -14.43
C HIS A 8 0.39 2.26 -14.14
N VAL A 9 1.29 2.84 -13.34
CA VAL A 9 2.33 2.04 -12.66
C VAL A 9 1.72 1.69 -11.30
N VAL A 10 2.29 0.71 -10.60
CA VAL A 10 1.59 0.05 -9.49
C VAL A 10 2.51 -0.16 -8.31
N ARG A 11 2.00 0.09 -7.10
CA ARG A 11 2.65 -0.36 -5.87
C ARG A 11 2.20 -1.81 -5.63
N ASP A 12 3.12 -2.75 -5.80
CA ASP A 12 2.84 -4.15 -5.49
C ASP A 12 3.27 -4.45 -4.08
N ILE A 13 2.34 -4.99 -3.28
CA ILE A 13 2.64 -5.46 -1.93
C ILE A 13 2.70 -6.98 -2.10
N VAL A 14 3.93 -7.51 -2.07
CA VAL A 14 4.22 -8.88 -2.50
C VAL A 14 4.47 -9.79 -1.31
N LYS A 15 3.70 -10.87 -1.24
N LYS A 15 3.68 -10.86 -1.19
CA LYS A 15 3.86 -11.88 -0.21
CA LYS A 15 3.92 -11.85 -0.15
C LYS A 15 4.39 -13.17 -0.80
C LYS A 15 4.36 -13.17 -0.74
N LYS A 16 5.52 -13.63 -0.29
CA LYS A 16 6.08 -14.94 -0.69
C LYS A 16 6.43 -15.65 0.59
N GLY A 17 5.74 -16.76 0.85
CA GLY A 17 5.91 -17.50 2.09
C GLY A 17 5.60 -16.57 3.24
N ASN A 18 6.56 -16.38 4.14
CA ASN A 18 6.34 -15.56 5.32
C ASN A 18 6.95 -14.14 5.22
N LYS A 19 7.27 -13.72 4.00
CA LYS A 19 7.92 -12.43 3.76
C LYS A 19 7.07 -11.50 2.90
N VAL A 20 7.07 -10.23 3.27
CA VAL A 20 6.36 -9.21 2.48
C VAL A 20 7.35 -8.16 2.02
N LEU A 21 7.19 -7.68 0.80
CA LEU A 21 8.06 -6.66 0.25
C LEU A 21 7.19 -5.80 -0.63
N GLU A 22 7.62 -4.57 -0.92
CA GLU A 22 6.95 -3.80 -1.95
C GLU A 22 7.86 -3.61 -3.14
N ARG A 23 7.28 -3.53 -4.32
CA ARG A 23 8.06 -3.28 -5.53
C ARG A 23 7.19 -2.56 -6.55
N LEU A 24 7.81 -1.80 -7.43
CA LEU A 24 7.12 -1.16 -8.52
C LEU A 24 6.70 -2.21 -9.55
N GLY A 25 5.50 -2.07 -10.08
CA GLY A 25 5.00 -2.98 -11.12
C GLY A 25 4.13 -2.21 -12.09
N GLY A 26 3.39 -2.96 -12.90
CA GLY A 26 2.50 -2.41 -13.91
C GLY A 26 3.09 -2.71 -15.26
N GLY A 27 2.25 -3.17 -16.17
CA GLY A 27 2.71 -3.43 -17.54
C GLY A 27 3.37 -2.25 -18.21
N ALA A 28 2.86 -1.05 -17.94
CA ALA A 28 3.43 0.17 -18.53
C ALA A 28 4.90 0.33 -18.18
N TYR A 29 5.28 0.02 -16.93
CA TYR A 29 6.68 0.05 -16.52
C TYR A 29 7.51 -0.87 -17.42
N TYR A 30 7.08 -2.12 -17.53
CA TYR A 30 7.86 -3.12 -18.27
C TYR A 30 7.91 -2.88 -19.79
N SER A 31 6.80 -2.44 -20.37
CA SER A 31 6.80 -2.08 -21.80
C SER A 31 7.75 -0.92 -22.08
N ALA A 32 7.71 0.11 -21.22
CA ALA A 32 8.61 1.24 -21.36
C ALA A 32 10.08 0.80 -21.19
N LEU A 33 10.32 -0.10 -20.24
CA LEU A 33 11.68 -0.60 -20.02
C LEU A 33 12.23 -1.26 -21.30
N ALA A 34 11.42 -2.09 -21.95
CA ALA A 34 11.83 -2.73 -23.20
C ALA A 34 11.99 -1.68 -24.30
N LEU A 35 11.01 -0.78 -24.46
CA LEU A 35 11.04 0.18 -25.57
C LEU A 35 12.19 1.17 -25.44
N SER A 36 12.65 1.41 -24.22
CA SER A 36 13.78 2.30 -23.97
C SER A 36 15.06 1.87 -24.68
N ARG A 37 15.13 0.61 -25.10
CA ARG A 37 16.30 0.15 -25.86
C ARG A 37 16.23 0.59 -27.31
N PHE A 38 15.08 1.15 -27.73
CA PHE A 38 14.81 1.50 -29.13
C PHE A 38 14.41 2.95 -29.37
N CYS A 39 13.95 3.62 -28.32
N CYS A 39 14.12 3.65 -28.28
CA CYS A 39 13.42 4.97 -28.50
CA CYS A 39 13.32 4.85 -28.37
C CYS A 39 13.49 5.79 -27.24
C CYS A 39 13.52 5.79 -27.19
N ASP A 40 13.25 7.07 -27.40
CA ASP A 40 13.11 8.02 -26.32
C ASP A 40 11.70 7.86 -25.81
N VAL A 41 11.55 7.25 -24.65
CA VAL A 41 10.23 6.88 -24.14
C VAL A 41 9.69 7.92 -23.17
N GLU A 42 8.38 8.22 -23.30
CA GLU A 42 7.67 8.97 -22.27
C GLU A 42 6.58 8.07 -21.73
N ILE A 43 6.33 8.13 -20.43
CA ILE A 43 5.26 7.33 -19.81
C ILE A 43 4.17 8.28 -19.32
N LEU A 44 2.96 8.07 -19.82
CA LEU A 44 1.78 8.76 -19.33
C LEU A 44 1.09 7.83 -18.35
N THR A 45 1.06 8.23 -17.09
CA THR A 45 0.64 7.33 -16.01
C THR A 45 -0.15 8.15 -14.99
N SER A 46 -0.52 7.54 -13.87
CA SER A 46 -1.13 8.27 -12.77
C SER A 46 -0.76 7.60 -11.46
N PHE A 47 -0.46 8.43 -10.46
CA PHE A 47 -0.24 8.00 -9.06
C PHE A 47 -0.23 9.22 -8.18
N SER A 48 -0.39 9.02 -6.87
CA SER A 48 -0.38 10.15 -5.91
C SER A 48 1.01 10.34 -5.30
N ASN A 49 1.63 9.24 -4.90
CA ASN A 49 2.97 9.24 -4.33
C ASN A 49 3.59 7.87 -4.60
N LEU A 50 4.89 7.85 -4.88
CA LEU A 50 5.62 6.58 -4.91
C LEU A 50 6.98 6.77 -4.27
N PRO A 51 7.59 5.68 -3.75
CA PRO A 51 8.94 5.74 -3.19
C PRO A 51 9.91 6.43 -4.13
N GLU A 52 10.72 7.32 -3.57
CA GLU A 52 11.75 8.04 -4.32
C GLU A 52 12.56 7.13 -5.25
N GLU A 53 12.91 5.92 -4.78
CA GLU A 53 13.73 4.97 -5.55
C GLU A 53 13.00 4.48 -6.79
N TRP A 54 11.69 4.36 -6.68
CA TRP A 54 10.91 3.93 -7.82
C TRP A 54 10.77 5.03 -8.86
N ILE A 55 10.62 6.26 -8.40
CA ILE A 55 10.55 7.41 -9.29
C ILE A 55 11.86 7.44 -10.10
N LYS A 56 12.96 7.18 -9.38
CA LYS A 56 14.29 7.18 -9.99
C LYS A 56 14.43 6.08 -11.04
N GLU A 57 13.91 4.88 -10.72
CA GLU A 57 13.93 3.76 -11.66
C GLU A 57 13.16 4.14 -12.93
N LEU A 58 11.97 4.72 -12.75
CA LEU A 58 11.15 5.19 -13.88
C LEU A 58 11.91 6.21 -14.73
N GLU A 59 12.48 7.20 -14.05
CA GLU A 59 13.14 8.30 -14.75
C GLU A 59 14.48 7.90 -15.36
N SER A 60 15.04 6.78 -14.92
CA SER A 60 16.29 6.28 -15.50
C SER A 60 16.09 5.90 -16.98
N MET A 61 14.84 5.60 -17.37
CA MET A 61 14.61 5.10 -18.72
C MET A 61 13.49 5.79 -19.51
N ALA A 62 12.82 6.75 -18.89
CA ALA A 62 11.67 7.44 -19.51
C ALA A 62 11.40 8.78 -18.83
N LYS A 63 10.76 9.68 -19.55
CA LYS A 63 10.18 10.89 -18.96
C LYS A 63 8.77 10.60 -18.46
N LEU A 64 8.42 11.07 -17.25
CA LEU A 64 7.09 10.81 -16.66
C LEU A 64 6.12 11.95 -16.90
N GLN A 65 4.88 11.60 -17.23
CA GLN A 65 3.80 12.56 -17.35
C GLN A 65 2.73 11.97 -16.46
N VAL A 66 2.37 12.66 -15.38
CA VAL A 66 1.51 12.01 -14.37
C VAL A 66 0.17 12.71 -14.25
N VAL A 67 -0.90 11.99 -14.54
CA VAL A 67 -2.21 12.54 -14.30
C VAL A 67 -2.38 12.71 -12.80
N PRO A 68 -2.75 13.93 -12.35
CA PRO A 68 -2.92 14.15 -10.91
C PRO A 68 -3.92 13.16 -10.30
N SER A 69 -3.57 12.66 -9.13
CA SER A 69 -4.40 11.67 -8.47
C SER A 69 -4.29 11.76 -6.95
N GLU A 70 -5.41 11.51 -6.25
CA GLU A 70 -5.34 11.37 -4.78
C GLU A 70 -4.93 9.95 -4.37
N THR A 71 -4.94 9.03 -5.33
CA THR A 71 -4.69 7.62 -5.05
C THR A 71 -3.63 7.03 -5.95
N THR A 72 -3.09 5.90 -5.51
CA THR A 72 -2.08 5.18 -6.27
C THR A 72 -2.58 3.76 -6.48
N THR A 73 -2.43 3.25 -7.70
CA THR A 73 -2.90 1.90 -7.95
C THR A 73 -2.05 0.92 -7.17
N THR A 74 -2.73 0.08 -6.39
CA THR A 74 -2.03 -0.77 -5.42
C THR A 74 -2.64 -2.15 -5.44
N TYR A 75 -1.78 -3.16 -5.65
CA TYR A 75 -2.22 -4.57 -5.59
C TYR A 75 -1.50 -5.35 -4.52
N GLU A 76 -2.22 -6.28 -3.88
N GLU A 76 -2.21 -6.25 -3.84
CA GLU A 76 -1.62 -7.31 -3.03
CA GLU A 76 -1.57 -7.27 -3.03
C GLU A 76 -1.35 -8.53 -3.89
C GLU A 76 -1.31 -8.43 -3.99
N LEU A 77 -0.09 -8.95 -3.97
CA LEU A 77 0.27 -10.11 -4.77
C LEU A 77 0.67 -11.20 -3.82
N THR A 78 0.01 -12.34 -3.91
CA THR A 78 0.33 -13.46 -3.04
C THR A 78 0.76 -14.67 -3.89
N TYR A 79 2.05 -15.00 -3.84
CA TYR A 79 2.59 -16.09 -4.65
C TYR A 79 2.09 -17.43 -4.12
N LEU A 80 1.75 -18.31 -5.05
CA LEU A 80 1.25 -19.65 -4.75
C LEU A 80 2.28 -20.73 -5.04
N ASP A 81 3.21 -20.41 -5.94
CA ASP A 81 4.37 -21.25 -6.19
C ASP A 81 5.49 -20.35 -6.70
N GLY A 82 6.41 -20.91 -7.49
CA GLY A 82 7.54 -20.14 -8.00
C GLY A 82 7.19 -19.03 -8.97
N ASN A 83 5.96 -19.06 -9.51
CA ASN A 83 5.60 -18.08 -10.51
C ASN A 83 4.15 -17.59 -10.52
N ARG A 84 3.22 -18.44 -10.13
CA ARG A 84 1.83 -18.01 -10.08
C ARG A 84 1.54 -17.19 -8.83
N ARG A 85 0.80 -16.10 -9.00
CA ARG A 85 0.45 -15.27 -7.86
C ARG A 85 -0.98 -14.76 -8.00
N ARG A 86 -1.63 -14.58 -6.86
CA ARG A 86 -2.96 -13.99 -6.80
C ARG A 86 -2.82 -12.48 -6.68
N LEU A 87 -3.67 -11.74 -7.41
CA LEU A 87 -3.65 -10.28 -7.35
C LEU A 87 -4.97 -9.81 -6.79
N LYS A 88 -4.90 -8.85 -5.87
CA LYS A 88 -6.10 -8.24 -5.33
C LYS A 88 -5.93 -6.73 -5.38
N LEU A 89 -6.88 -6.06 -6.04
CA LEU A 89 -6.85 -4.60 -6.17
C LEU A 89 -7.26 -3.95 -4.86
N LEU A 90 -6.39 -3.10 -4.33
CA LEU A 90 -6.62 -2.36 -3.09
C LEU A 90 -6.91 -0.89 -3.26
N GLU A 91 -6.45 -0.30 -4.36
CA GLU A 91 -6.52 1.18 -4.55
C GLU A 91 -6.24 1.45 -6.01
N ARG A 92 -6.84 2.50 -6.58
CA ARG A 92 -6.72 2.76 -7.99
C ARG A 92 -6.55 4.25 -8.25
N ALA A 93 -5.57 4.61 -9.07
CA ALA A 93 -5.27 5.99 -9.46
C ALA A 93 -6.30 6.52 -10.45
N SER A 94 -6.13 7.78 -10.84
CA SER A 94 -7.04 8.45 -11.78
C SER A 94 -7.10 7.81 -13.16
N PRO A 95 -8.27 7.90 -13.82
CA PRO A 95 -8.35 7.41 -15.20
C PRO A 95 -7.51 8.27 -16.10
N ILE A 96 -7.11 7.70 -17.23
CA ILE A 96 -6.28 8.41 -18.19
C ILE A 96 -7.11 8.57 -19.45
N GLU A 97 -7.66 9.78 -19.63
CA GLU A 97 -8.64 9.98 -20.67
C GLU A 97 -8.23 11.04 -21.70
N GLU A 98 -7.02 11.57 -21.56
CA GLU A 98 -6.56 12.61 -22.46
C GLU A 98 -5.07 12.39 -22.77
N LEU A 99 -4.77 12.20 -24.04
CA LEU A 99 -3.38 12.00 -24.50
C LEU A 99 -2.74 13.34 -24.82
N PRO A 100 -1.38 13.41 -24.75
CA PRO A 100 -0.69 14.66 -25.08
C PRO A 100 -0.73 14.99 -26.57
N ASP A 101 -0.45 16.25 -26.86
CA ASP A 101 -0.34 16.69 -28.24
C ASP A 101 1.11 16.45 -28.67
N GLY A 102 1.40 16.55 -29.96
CA GLY A 102 2.75 16.34 -30.47
C GLY A 102 2.89 15.02 -31.20
N GLU A 103 3.94 14.89 -32.01
CA GLU A 103 4.12 13.67 -32.81
C GLU A 103 4.91 12.58 -32.07
N TYR A 104 4.34 11.37 -32.06
CA TYR A 104 5.01 10.19 -31.51
C TYR A 104 5.05 9.12 -32.57
N ASP A 105 6.20 8.47 -32.72
CA ASP A 105 6.36 7.38 -33.68
C ASP A 105 5.58 6.14 -33.25
N VAL A 106 5.51 5.93 -31.93
CA VAL A 106 4.82 4.79 -31.34
C VAL A 106 4.01 5.26 -30.16
N LEU A 107 2.74 4.87 -30.12
CA LEU A 107 1.90 5.01 -28.93
C LEU A 107 1.59 3.59 -28.49
N LEU A 108 1.96 3.21 -27.27
CA LEU A 108 1.71 1.86 -26.77
C LEU A 108 0.82 1.94 -25.53
N MET A 109 -0.39 1.39 -25.66
CA MET A 109 -1.39 1.40 -24.57
C MET A 109 -1.20 0.14 -23.76
N ASN A 110 -0.87 0.30 -22.48
CA ASN A 110 -0.72 -0.85 -21.59
C ASN A 110 -1.31 -0.55 -20.19
N PRO A 111 -2.65 -0.46 -20.10
CA PRO A 111 -3.28 -0.24 -18.80
C PRO A 111 -3.25 -1.46 -17.91
N VAL A 112 -3.54 -1.23 -16.63
N VAL A 112 -3.51 -1.28 -16.62
CA VAL A 112 -3.61 -2.26 -15.59
CA VAL A 112 -3.61 -2.42 -15.72
C VAL A 112 -5.03 -2.80 -15.47
C VAL A 112 -5.07 -2.84 -15.48
N ALA A 113 -5.99 -1.88 -15.40
CA ALA A 113 -7.40 -2.20 -15.10
C ALA A 113 -8.35 -1.07 -15.45
N ARG A 114 -8.65 -0.96 -16.76
CA ARG A 114 -9.70 -0.07 -17.29
C ARG A 114 -9.45 1.43 -17.20
N GLU A 115 -8.24 1.86 -16.82
CA GLU A 115 -7.96 3.31 -16.70
C GLU A 115 -7.89 4.02 -18.05
N VAL A 116 -7.63 3.27 -19.11
CA VAL A 116 -7.66 3.80 -20.49
C VAL A 116 -8.95 3.31 -21.14
N PRO A 117 -9.87 4.23 -21.47
CA PRO A 117 -11.11 3.74 -22.08
C PRO A 117 -10.92 3.34 -23.55
N PRO A 118 -11.72 2.39 -24.05
CA PRO A 118 -11.59 2.04 -25.48
C PRO A 118 -11.76 3.27 -26.39
N ALA A 119 -12.56 4.24 -25.98
CA ALA A 119 -12.82 5.44 -26.76
C ALA A 119 -11.51 6.19 -27.02
N LEU A 120 -10.54 6.07 -26.11
CA LEU A 120 -9.24 6.74 -26.27
C LEU A 120 -8.38 6.03 -27.31
N VAL A 121 -8.52 4.71 -27.41
CA VAL A 121 -7.83 3.97 -28.44
C VAL A 121 -8.45 4.38 -29.78
N THR A 122 -9.76 4.44 -29.83
CA THR A 122 -10.44 4.92 -31.06
C THR A 122 -9.99 6.31 -31.55
N SER A 123 -10.00 7.31 -30.67
CA SER A 123 -9.57 8.65 -31.04
C SER A 123 -8.08 8.63 -31.39
N ALA A 124 -7.28 7.87 -30.65
CA ALA A 124 -5.83 7.82 -30.92
C ALA A 124 -5.49 7.22 -32.28
N LEU A 125 -6.28 6.23 -32.69
CA LEU A 125 -6.07 5.58 -34.00
C LEU A 125 -6.23 6.56 -35.16
N LYS A 126 -7.02 7.62 -34.93
CA LYS A 126 -7.25 8.64 -35.97
C LYS A 126 -6.17 9.70 -35.95
N LYS A 127 -5.64 9.99 -34.75
CA LYS A 127 -4.69 11.10 -34.55
C LYS A 127 -3.22 10.68 -34.63
N PHE A 128 -2.89 9.53 -34.04
CA PHE A 128 -1.54 8.99 -34.07
C PHE A 128 -1.38 8.03 -35.25
N PRO A 129 -0.17 7.99 -35.84
CA PRO A 129 0.08 7.08 -36.97
C PRO A 129 0.27 5.61 -36.63
N PHE A 130 0.74 5.30 -35.41
CA PHE A 130 1.12 3.94 -35.08
C PHE A 130 0.76 3.62 -33.62
N VAL A 131 -0.18 2.70 -33.44
CA VAL A 131 -0.69 2.37 -32.09
C VAL A 131 -0.49 0.88 -31.80
N ALA A 132 0.11 0.59 -30.65
CA ALA A 132 0.22 -0.78 -30.18
C ALA A 132 -0.57 -0.90 -28.88
N VAL A 133 -1.07 -2.11 -28.61
CA VAL A 133 -1.97 -2.31 -27.47
C VAL A 133 -1.66 -3.62 -26.77
N ASP A 134 -1.65 -3.62 -25.43
CA ASP A 134 -1.73 -4.86 -24.69
C ASP A 134 -3.14 -4.93 -24.15
N ILE A 135 -3.82 -6.05 -24.36
CA ILE A 135 -5.24 -6.12 -24.03
C ILE A 135 -5.50 -6.29 -22.55
N GLN A 136 -4.51 -6.73 -21.77
CA GLN A 136 -4.80 -7.19 -20.40
C GLN A 136 -5.67 -6.21 -19.59
N GLY A 137 -5.25 -4.95 -19.61
CA GLY A 137 -5.93 -3.93 -18.82
C GLY A 137 -7.21 -3.40 -19.43
N PHE A 138 -7.55 -3.85 -20.62
CA PHE A 138 -8.88 -3.58 -21.18
C PHE A 138 -9.90 -4.65 -20.80
N ILE A 139 -9.38 -5.80 -20.40
N ILE A 139 -9.43 -5.82 -20.40
CA ILE A 139 -10.20 -6.94 -20.02
CA ILE A 139 -10.37 -6.87 -19.97
C ILE A 139 -10.37 -7.08 -18.50
C ILE A 139 -10.39 -7.11 -18.47
N ARG A 140 -9.28 -6.88 -17.79
CA ARG A 140 -9.28 -6.98 -16.33
C ARG A 140 -10.23 -5.98 -15.77
N SER A 141 -11.09 -6.44 -14.86
CA SER A 141 -12.05 -5.56 -14.21
C SER A 141 -11.37 -4.55 -13.27
N SER A 142 -11.94 -3.34 -13.19
CA SER A 142 -11.44 -2.32 -12.24
C SER A 142 -12.14 -2.39 -10.88
N SER A 143 -13.05 -3.34 -10.70
CA SER A 143 -13.72 -3.56 -9.40
C SER A 143 -12.69 -3.90 -8.33
N PRO A 144 -12.92 -3.44 -7.08
CA PRO A 144 -12.05 -3.77 -5.96
C PRO A 144 -11.96 -5.27 -5.75
N GLY A 145 -10.80 -5.72 -5.30
CA GLY A 145 -10.67 -7.10 -4.83
C GLY A 145 -10.00 -8.01 -5.84
N GLU A 146 -10.29 -9.30 -5.72
CA GLU A 146 -9.62 -10.32 -6.53
C GLU A 146 -9.81 -10.05 -8.02
N ILE A 147 -8.73 -10.15 -8.78
N ILE A 147 -8.73 -10.10 -8.79
CA ILE A 147 -8.75 -9.93 -10.24
CA ILE A 147 -8.84 -9.80 -10.22
C ILE A 147 -9.74 -10.83 -10.97
C ILE A 147 -9.74 -10.78 -10.95
N GLN A 148 -10.54 -10.24 -11.86
CA GLN A 148 -11.36 -11.04 -12.74
C GLN A 148 -11.35 -10.42 -14.11
N TYR A 149 -11.57 -11.25 -15.13
N TYR A 149 -11.54 -11.25 -15.12
CA TYR A 149 -11.66 -10.78 -16.51
CA TYR A 149 -11.70 -10.77 -16.48
C TYR A 149 -13.13 -10.72 -16.92
C TYR A 149 -13.19 -10.62 -16.76
N GLN A 150 -13.53 -9.66 -17.62
CA GLN A 150 -14.90 -9.54 -18.15
C GLN A 150 -14.82 -9.34 -19.65
N PRO A 151 -15.76 -9.95 -20.41
CA PRO A 151 -15.65 -9.77 -21.85
C PRO A 151 -15.91 -8.34 -22.31
N ILE A 152 -15.27 -7.97 -23.41
CA ILE A 152 -15.50 -6.65 -23.97
C ILE A 152 -15.63 -6.83 -25.47
N ASP A 153 -16.25 -5.86 -26.12
CA ASP A 153 -16.27 -5.85 -27.56
C ASP A 153 -14.93 -5.35 -28.06
N GLY A 154 -14.36 -6.05 -29.04
CA GLY A 154 -13.03 -5.72 -29.53
C GLY A 154 -13.00 -5.00 -30.87
N SER A 155 -14.16 -4.53 -31.33
N SER A 155 -14.16 -4.52 -31.32
CA SER A 155 -14.24 -3.87 -32.63
CA SER A 155 -14.24 -3.88 -32.64
C SER A 155 -13.39 -2.61 -32.68
C SER A 155 -13.43 -2.57 -32.69
N PHE A 156 -13.22 -1.96 -31.53
CA PHE A 156 -12.48 -0.69 -31.45
C PHE A 156 -10.99 -0.86 -31.78
N LEU A 157 -10.53 -2.11 -31.76
CA LEU A 157 -9.13 -2.44 -32.01
C LEU A 157 -8.75 -2.41 -33.49
N LYS A 158 -9.74 -2.36 -34.38
CA LYS A 158 -9.40 -2.40 -35.80
C LYS A 158 -8.55 -1.20 -36.18
N GLY A 159 -7.40 -1.45 -36.81
CA GLY A 159 -6.46 -0.38 -37.14
C GLY A 159 -5.22 -0.35 -36.25
N VAL A 160 -5.30 -1.00 -35.08
CA VAL A 160 -4.11 -1.19 -34.24
C VAL A 160 -3.03 -1.94 -35.02
N LYS A 161 -1.80 -1.45 -34.93
CA LYS A 161 -0.64 -2.06 -35.62
C LYS A 161 -0.24 -3.34 -34.91
N ILE A 162 -0.16 -3.31 -33.58
CA ILE A 162 0.30 -4.47 -32.84
C ILE A 162 -0.52 -4.67 -31.60
N LEU A 163 -1.06 -5.87 -31.45
CA LEU A 163 -1.86 -6.24 -30.30
C LEU A 163 -1.28 -7.47 -29.60
N HIS A 164 -1.14 -7.39 -28.28
CA HIS A 164 -0.64 -8.53 -27.50
C HIS A 164 -1.68 -8.99 -26.48
N ALA A 165 -1.81 -10.30 -26.34
CA ALA A 165 -2.68 -10.89 -25.35
C ALA A 165 -2.10 -12.22 -24.91
N ASP A 166 -2.49 -12.65 -23.71
N ASP A 166 -2.48 -12.66 -23.71
CA ASP A 166 -2.25 -14.01 -23.29
CA ASP A 166 -2.21 -14.04 -23.28
C ASP A 166 -3.26 -14.90 -24.01
C ASP A 166 -3.27 -14.93 -23.90
N LEU A 167 -2.90 -16.14 -24.26
CA LEU A 167 -3.83 -17.09 -24.89
C LEU A 167 -5.15 -17.18 -24.14
N GLY A 168 -5.08 -17.25 -22.81
CA GLY A 168 -6.26 -17.36 -21.96
C GLY A 168 -7.14 -16.12 -21.96
N GLU A 169 -6.56 -14.98 -22.34
CA GLU A 169 -7.28 -13.70 -22.37
C GLU A 169 -8.09 -13.50 -23.64
N TYR A 170 -7.68 -14.18 -24.72
CA TYR A 170 -8.26 -13.94 -26.04
C TYR A 170 -9.76 -14.21 -26.04
N GLN A 171 -10.21 -15.16 -25.22
CA GLN A 171 -11.62 -15.53 -25.14
C GLN A 171 -12.53 -14.37 -24.73
N TYR A 172 -11.95 -13.38 -24.04
CA TYR A 172 -12.67 -12.21 -23.57
C TYR A 172 -12.83 -11.09 -24.59
N LEU A 173 -12.15 -11.21 -25.74
CA LEU A 173 -12.39 -10.30 -26.86
C LEU A 173 -13.49 -10.81 -27.78
N GLN A 174 -14.68 -10.23 -27.67
CA GLN A 174 -15.81 -10.60 -28.54
C GLN A 174 -15.83 -9.68 -29.75
N GLY A 175 -16.36 -10.18 -30.86
CA GLY A 175 -16.43 -9.40 -32.09
C GLY A 175 -15.06 -8.93 -32.54
N PHE A 176 -14.08 -9.82 -32.42
CA PHE A 176 -12.72 -9.53 -32.85
C PHE A 176 -12.23 -10.66 -33.75
N SER A 177 -11.41 -10.31 -34.73
CA SER A 177 -10.77 -11.29 -35.59
C SER A 177 -9.32 -10.85 -35.83
N PRO A 178 -8.39 -11.81 -35.95
CA PRO A 178 -6.98 -11.41 -35.98
C PRO A 178 -6.58 -10.39 -37.05
N GLU A 179 -7.25 -10.37 -38.20
CA GLU A 179 -6.90 -9.43 -39.27
C GLU A 179 -7.34 -7.98 -38.98
N PHE A 180 -8.05 -7.77 -37.86
CA PHE A 180 -8.37 -6.41 -37.38
C PHE A 180 -7.11 -5.61 -37.10
N VAL A 181 -6.03 -6.33 -36.78
CA VAL A 181 -4.75 -5.74 -36.44
C VAL A 181 -3.66 -6.22 -37.40
N ASP A 182 -2.59 -5.44 -37.59
CA ASP A 182 -1.49 -5.86 -38.48
C ASP A 182 -0.84 -7.11 -37.87
N VAL A 183 -0.55 -7.04 -36.57
CA VAL A 183 0.12 -8.14 -35.89
C VAL A 183 -0.59 -8.41 -34.59
N LEU A 184 -1.00 -9.66 -34.41
CA LEU A 184 -1.53 -10.18 -33.16
C LEU A 184 -0.49 -11.12 -32.55
N LEU A 185 -0.10 -10.84 -31.31
CA LEU A 185 0.80 -11.72 -30.59
C LEU A 185 0.04 -12.35 -29.44
N LEU A 186 0.01 -13.69 -29.41
CA LEU A 186 -0.68 -14.46 -28.36
C LEU A 186 0.32 -15.31 -27.58
N SER A 187 0.61 -14.87 -26.36
CA SER A 187 1.59 -15.54 -25.51
C SER A 187 0.94 -16.64 -24.68
N ASN A 188 1.72 -17.64 -24.32
CA ASN A 188 1.25 -18.68 -23.44
C ASN A 188 2.37 -19.07 -22.46
N GLY A 189 2.88 -18.08 -21.74
CA GLY A 189 3.95 -18.30 -20.76
C GLY A 189 5.23 -18.80 -21.38
N PRO A 190 5.80 -19.90 -20.83
CA PRO A 190 6.99 -20.53 -21.44
C PRO A 190 6.62 -21.50 -22.58
N GLU A 191 5.33 -21.67 -22.83
CA GLU A 191 4.83 -22.59 -23.85
C GLU A 191 4.70 -21.92 -25.24
N PRO A 192 4.59 -22.73 -26.31
CA PRO A 192 4.50 -22.15 -27.65
C PRO A 192 3.38 -21.11 -27.76
N GLY A 193 3.66 -20.01 -28.42
CA GLY A 193 2.62 -19.01 -28.69
C GLY A 193 2.20 -18.98 -30.16
N LYS A 194 1.28 -18.07 -30.45
CA LYS A 194 0.81 -17.81 -31.82
C LYS A 194 1.07 -16.35 -32.18
N ALA A 195 1.34 -16.10 -33.45
CA ALA A 195 1.48 -14.73 -33.94
C ALA A 195 0.80 -14.67 -35.29
N PHE A 196 0.09 -13.58 -35.54
CA PHE A 196 -0.61 -13.39 -36.80
C PHE A 196 -0.11 -12.15 -37.50
N LEU A 197 0.18 -12.29 -38.80
CA LEU A 197 0.51 -11.17 -39.65
C LEU A 197 -0.64 -11.04 -40.66
N HIS A 198 -1.37 -9.93 -40.57
CA HIS A 198 -2.59 -9.73 -41.38
C HIS A 198 -3.48 -10.97 -41.42
N GLY A 199 -3.68 -11.57 -40.26
CA GLY A 199 -4.55 -12.72 -40.11
C GLY A 199 -3.92 -14.07 -40.39
N ARG A 200 -2.70 -14.08 -40.90
N ARG A 200 -2.67 -14.06 -40.88
CA ARG A 200 -2.05 -15.34 -41.25
CA ARG A 200 -1.93 -15.26 -41.27
C ARG A 200 -1.19 -15.82 -40.08
C ARG A 200 -1.16 -15.81 -40.08
N GLU A 201 -1.44 -17.06 -39.69
CA GLU A 201 -0.93 -17.62 -38.44
C GLU A 201 0.50 -18.13 -38.51
N TYR A 202 1.25 -17.85 -37.45
CA TYR A 202 2.56 -18.44 -37.22
C TYR A 202 2.53 -19.04 -35.82
N THR A 203 3.32 -20.08 -35.61
CA THR A 203 3.63 -20.55 -34.26
C THR A 203 5.05 -20.09 -33.91
N PHE A 204 5.33 -19.86 -32.62
CA PHE A 204 6.68 -19.58 -32.18
C PHE A 204 6.90 -20.17 -30.80
N GLU A 205 8.16 -20.47 -30.50
CA GLU A 205 8.53 -21.05 -29.23
C GLU A 205 9.41 -20.08 -28.44
N PRO A 206 8.96 -19.66 -27.23
CA PRO A 206 9.86 -18.87 -26.40
C PRO A 206 11.14 -19.62 -26.09
N VAL A 207 12.21 -18.87 -25.87
CA VAL A 207 13.45 -19.45 -25.40
C VAL A 207 13.22 -20.19 -24.09
N HIS A 208 13.78 -21.38 -23.98
CA HIS A 208 13.60 -22.23 -22.80
C HIS A 208 14.49 -21.81 -21.63
N VAL A 209 14.24 -20.64 -21.06
CA VAL A 209 15.00 -20.18 -19.89
C VAL A 209 14.76 -21.09 -18.67
N GLY A 210 15.77 -21.18 -17.80
CA GLY A 210 15.66 -21.97 -16.58
C GLY A 210 14.81 -21.35 -15.47
N VAL A 211 14.80 -20.02 -15.38
CA VAL A 211 14.19 -19.33 -14.24
C VAL A 211 12.66 -19.39 -14.29
N ASP A 212 12.04 -19.66 -13.14
CA ASP A 212 10.58 -19.80 -13.06
C ASP A 212 9.84 -18.45 -13.06
N GLU A 213 10.31 -17.51 -12.24
CA GLU A 213 9.79 -16.13 -12.19
C GLU A 213 9.66 -15.47 -13.57
N SER A 214 8.45 -15.02 -13.91
CA SER A 214 8.25 -14.42 -15.22
C SER A 214 7.57 -13.04 -15.20
N THR A 215 7.56 -12.36 -14.05
CA THR A 215 7.00 -11.01 -13.96
C THR A 215 7.46 -10.13 -15.12
N GLY A 216 6.47 -9.57 -15.82
CA GLY A 216 6.71 -8.57 -16.87
C GLY A 216 7.03 -9.16 -18.24
N ALA A 217 7.08 -10.48 -18.36
CA ALA A 217 7.53 -11.12 -19.62
C ALA A 217 6.70 -10.68 -20.82
N GLY A 218 5.38 -10.68 -20.70
CA GLY A 218 4.51 -10.35 -21.84
C GLY A 218 4.58 -8.89 -22.22
N ASP A 219 4.81 -8.04 -21.22
CA ASP A 219 4.95 -6.59 -21.45
C ASP A 219 6.27 -6.25 -22.15
N VAL A 220 7.32 -6.93 -21.70
CA VAL A 220 8.65 -6.79 -22.32
C VAL A 220 8.61 -7.33 -23.74
N PHE A 221 7.96 -8.49 -23.94
CA PHE A 221 7.80 -9.05 -25.28
C PHE A 221 7.09 -8.12 -26.25
N LEU A 222 5.94 -7.56 -25.83
CA LEU A 222 5.25 -6.53 -26.64
C LEU A 222 6.13 -5.32 -26.96
N GLY A 223 6.83 -4.81 -25.94
CA GLY A 223 7.68 -3.63 -26.12
C GLY A 223 8.84 -3.93 -27.06
N ALA A 224 9.50 -5.06 -26.85
CA ALA A 224 10.62 -5.47 -27.70
C ALA A 224 10.16 -5.74 -29.13
N PHE A 225 9.01 -6.42 -29.29
CA PHE A 225 8.51 -6.67 -30.64
C PHE A 225 8.24 -5.36 -31.38
N THR A 226 7.57 -4.42 -30.69
CA THR A 226 7.34 -3.08 -31.25
C THR A 226 8.63 -2.43 -31.73
N GLY A 227 9.66 -2.49 -30.90
CA GLY A 227 10.99 -1.97 -31.19
C GLY A 227 11.63 -2.64 -32.40
N PHE A 228 11.68 -3.96 -32.40
CA PHE A 228 12.30 -4.67 -33.51
C PHE A 228 11.54 -4.59 -34.84
N TYR A 229 10.20 -4.55 -34.76
CA TYR A 229 9.37 -4.53 -35.96
C TYR A 229 9.53 -3.21 -36.72
N SER A 230 9.95 -2.17 -36.01
CA SER A 230 10.29 -0.88 -36.63
C SER A 230 11.56 -0.92 -37.49
N GLN A 231 12.34 -1.99 -37.37
CA GLN A 231 13.64 -2.09 -38.06
C GLN A 231 13.78 -3.38 -38.88
N CYS A 232 12.99 -4.39 -38.52
CA CYS A 232 13.17 -5.75 -39.02
C CYS A 232 11.86 -6.23 -39.65
N PRO A 233 11.93 -7.17 -40.61
CA PRO A 233 10.69 -7.78 -41.11
C PRO A 233 10.06 -8.64 -40.00
N PHE A 234 8.84 -9.09 -40.22
CA PHE A 234 8.02 -9.77 -39.21
C PHE A 234 8.68 -10.94 -38.47
N VAL A 235 9.15 -11.94 -39.22
CA VAL A 235 9.66 -13.15 -38.58
C VAL A 235 10.91 -12.84 -37.75
N GLN A 236 11.82 -12.03 -38.30
CA GLN A 236 13.01 -11.65 -37.58
C GLN A 236 12.69 -10.88 -36.29
N ALA A 237 11.72 -9.96 -36.37
CA ALA A 237 11.31 -9.19 -35.21
C ALA A 237 10.79 -10.10 -34.11
N LEU A 238 10.01 -11.11 -34.50
CA LEU A 238 9.45 -12.09 -33.58
C LEU A 238 10.55 -12.88 -32.85
N LYS A 239 11.52 -13.34 -33.62
CA LYS A 239 12.68 -14.05 -33.07
C LYS A 239 13.47 -13.18 -32.13
N ARG A 240 13.75 -11.94 -32.55
CA ARG A 240 14.48 -11.00 -31.70
C ARG A 240 13.73 -10.59 -30.43
N ALA A 241 12.41 -10.39 -30.56
CA ALA A 241 11.57 -10.09 -29.41
C ALA A 241 11.60 -11.23 -28.37
N ALA A 242 11.48 -12.47 -28.83
CA ALA A 242 11.56 -13.64 -27.95
C ALA A 242 12.91 -13.71 -27.22
N ALA A 243 14.00 -13.43 -27.95
CA ALA A 243 15.35 -13.49 -27.40
C ALA A 243 15.58 -12.37 -26.38
N PHE A 244 15.13 -11.16 -26.73
CA PHE A 244 15.19 -10.02 -25.82
C PHE A 244 14.47 -10.33 -24.51
N THR A 245 13.27 -10.90 -24.62
CA THR A 245 12.46 -11.25 -23.46
C THR A 245 13.19 -12.29 -22.60
N ALA A 246 13.80 -13.29 -23.26
CA ALA A 246 14.59 -14.33 -22.56
C ALA A 246 15.72 -13.73 -21.71
N LEU A 247 16.46 -12.81 -22.31
CA LEU A 247 17.54 -12.13 -21.62
C LEU A 247 17.04 -11.20 -20.52
N PHE A 248 15.90 -10.58 -20.72
CA PHE A 248 15.28 -9.84 -19.63
C PHE A 248 14.92 -10.75 -18.44
N LEU A 249 14.33 -11.90 -18.72
CA LEU A 249 13.94 -12.84 -17.65
C LEU A 249 15.16 -13.38 -16.89
N LYS A 250 16.22 -13.65 -17.62
CA LYS A 250 17.48 -14.11 -17.00
C LYS A 250 18.10 -13.04 -16.07
N ASN A 251 18.09 -11.79 -16.52
CA ASN A 251 18.84 -10.71 -15.88
C ASN A 251 18.05 -9.73 -15.03
N ARG A 252 16.73 -9.84 -15.06
CA ARG A 252 15.82 -8.88 -14.43
C ARG A 252 16.19 -7.42 -14.76
N SER A 253 16.57 -7.19 -16.01
CA SER A 253 17.00 -5.87 -16.44
C SER A 253 17.05 -5.88 -17.94
N VAL A 254 17.36 -4.73 -18.51
N VAL A 254 17.30 -4.72 -18.53
CA VAL A 254 17.51 -4.56 -19.92
CA VAL A 254 17.54 -4.66 -19.96
C VAL A 254 18.96 -4.20 -20.28
C VAL A 254 18.98 -4.25 -20.29
N ASP A 255 19.89 -4.52 -19.37
CA ASP A 255 21.34 -4.31 -19.58
C ASP A 255 21.91 -5.59 -20.15
N PHE A 256 21.78 -5.74 -21.46
CA PHE A 256 22.45 -6.78 -22.20
C PHE A 256 22.65 -6.23 -23.59
N SER A 257 23.61 -6.77 -24.33
CA SER A 257 23.94 -6.22 -25.64
C SER A 257 22.92 -6.71 -26.65
N MET A 258 22.63 -5.86 -27.63
CA MET A 258 21.85 -6.27 -28.80
C MET A 258 22.54 -7.41 -29.53
N ASP A 259 23.86 -7.53 -29.36
CA ASP A 259 24.60 -8.63 -29.98
C ASP A 259 24.19 -9.98 -29.41
N ASP A 260 24.07 -10.02 -28.07
CA ASP A 260 23.59 -11.19 -27.36
C ASP A 260 22.16 -11.56 -27.76
N VAL A 261 21.29 -10.57 -27.97
CA VAL A 261 19.95 -10.83 -28.50
C VAL A 261 19.98 -11.50 -29.88
N ASN A 262 20.75 -10.92 -30.80
CA ASN A 262 20.79 -11.40 -32.19
C ASN A 262 21.28 -12.84 -32.29
N GLU A 263 22.28 -13.18 -31.50
CA GLU A 263 22.84 -14.53 -31.49
C GLU A 263 21.77 -15.52 -31.04
N LEU A 264 21.08 -15.15 -29.97
N LEU A 264 21.08 -15.17 -29.96
CA LEU A 264 20.06 -15.99 -29.37
CA LEU A 264 20.06 -16.03 -29.39
C LEU A 264 18.86 -16.13 -30.31
C LEU A 264 18.83 -16.13 -30.31
N ALA A 265 18.50 -15.04 -30.96
CA ALA A 265 17.34 -14.98 -31.87
C ALA A 265 17.46 -15.94 -33.06
N MET A 266 18.69 -16.24 -33.48
CA MET A 266 18.90 -17.04 -34.67
C MET A 266 18.38 -18.47 -34.47
N LYS A 267 18.27 -18.89 -33.21
CA LYS A 267 17.84 -20.24 -32.87
C LYS A 267 16.37 -20.33 -32.46
N VAL A 268 15.70 -19.18 -32.34
CA VAL A 268 14.28 -19.19 -31.99
C VAL A 268 13.43 -19.85 -33.10
N GLU A 269 12.59 -20.81 -32.70
CA GLU A 269 11.71 -21.51 -33.61
C GLU A 269 10.46 -20.69 -33.99
N VAL A 270 10.27 -20.48 -35.29
CA VAL A 270 9.08 -19.81 -35.83
C VAL A 270 8.66 -20.61 -37.06
N LYS A 271 7.38 -20.96 -37.13
CA LYS A 271 6.83 -21.71 -38.27
C LYS A 271 5.58 -21.04 -38.77
N ARG A 272 5.49 -20.86 -40.08
CA ARG A 272 4.32 -20.29 -40.75
C ARG A 272 3.32 -21.41 -40.97
N VAL A 273 2.15 -21.32 -40.37
CA VAL A 273 1.13 -22.37 -40.43
C VAL A 273 0.61 -22.59 -41.86
N MET B 1 9.01 19.13 29.82
CA MET B 1 8.87 17.66 29.92
C MET B 1 9.29 17.03 28.60
N LYS B 2 9.92 15.86 28.66
CA LYS B 2 10.30 15.13 27.44
C LYS B 2 9.55 13.81 27.39
N CYS B 3 8.97 13.49 26.24
CA CYS B 3 8.22 12.23 26.09
C CYS B 3 8.77 11.41 24.92
N LEU B 4 8.78 10.09 25.06
CA LEU B 4 9.10 9.22 23.95
C LEU B 4 7.87 8.37 23.65
N VAL B 5 7.41 8.39 22.41
CA VAL B 5 6.23 7.60 21.96
C VAL B 5 6.78 6.55 21.00
N VAL B 6 6.38 5.30 21.20
CA VAL B 6 6.99 4.19 20.46
C VAL B 6 5.92 3.35 19.77
N GLY B 7 6.10 3.10 18.47
CA GLY B 7 5.13 2.30 17.71
C GLY B 7 5.13 2.70 16.26
N HIS B 8 4.61 1.83 15.41
CA HIS B 8 4.53 2.13 14.00
C HIS B 8 3.55 3.23 13.65
N VAL B 9 3.99 4.14 12.79
CA VAL B 9 3.06 5.03 12.07
C VAL B 9 2.68 4.26 10.82
N VAL B 10 1.52 4.58 10.25
CA VAL B 10 0.99 3.71 9.19
C VAL B 10 0.45 4.49 7.99
N ARG B 11 0.49 3.84 6.83
CA ARG B 11 -0.25 4.30 5.66
C ARG B 11 -1.66 3.70 5.77
N ASP B 12 -2.66 4.55 5.98
CA ASP B 12 -4.05 4.08 5.90
C ASP B 12 -4.65 4.31 4.53
N ILE B 13 -5.18 3.25 3.94
CA ILE B 13 -5.93 3.34 2.69
C ILE B 13 -7.38 3.36 3.14
N VAL B 14 -8.01 4.52 3.06
CA VAL B 14 -9.29 4.77 3.69
C VAL B 14 -10.40 4.76 2.65
N LYS B 15 -11.44 3.98 2.91
CA LYS B 15 -12.56 3.87 1.97
C LYS B 15 -13.87 4.25 2.64
N LYS B 16 -14.60 5.17 2.02
CA LYS B 16 -15.91 5.60 2.51
C LYS B 16 -16.78 5.66 1.28
N GLY B 17 -17.66 4.67 1.11
CA GLY B 17 -18.45 4.53 -0.09
C GLY B 17 -17.53 4.33 -1.28
N ASN B 18 -17.63 5.22 -2.25
CA ASN B 18 -16.78 5.13 -3.43
C ASN B 18 -15.63 6.14 -3.43
N LYS B 19 -15.46 6.82 -2.30
CA LYS B 19 -14.32 7.72 -2.13
C LYS B 19 -13.17 7.00 -1.43
N VAL B 20 -11.97 7.16 -1.99
CA VAL B 20 -10.78 6.49 -1.48
C VAL B 20 -9.68 7.52 -1.32
N LEU B 21 -8.92 7.41 -0.23
CA LEU B 21 -7.84 8.33 0.04
C LEU B 21 -6.76 7.58 0.83
N GLU B 22 -5.57 8.17 0.91
CA GLU B 22 -4.56 7.69 1.82
C GLU B 22 -4.27 8.77 2.83
N ARG B 23 -4.03 8.36 4.07
CA ARG B 23 -3.63 9.29 5.10
C ARG B 23 -2.71 8.62 6.12
N LEU B 24 -1.90 9.44 6.76
CA LEU B 24 -1.04 9.05 7.88
C LEU B 24 -1.90 8.63 9.06
N GLY B 25 -1.56 7.51 9.69
CA GLY B 25 -2.31 6.99 10.84
C GLY B 25 -1.43 6.21 11.79
N GLY B 26 -2.04 5.43 12.67
CA GLY B 26 -1.27 4.69 13.68
C GLY B 26 -1.51 5.25 15.06
N GLY B 27 -1.65 4.36 16.05
CA GLY B 27 -1.76 4.78 17.46
C GLY B 27 -0.68 5.75 17.92
N ALA B 28 0.57 5.48 17.55
CA ALA B 28 1.70 6.32 17.94
C ALA B 28 1.54 7.76 17.44
N TYR B 29 1.06 7.93 16.21
CA TYR B 29 0.74 9.24 15.65
C TYR B 29 -0.29 9.97 16.52
N TYR B 30 -1.42 9.31 16.80
CA TYR B 30 -2.45 9.97 17.61
C TYR B 30 -2.03 10.23 19.05
N SER B 31 -1.35 9.26 19.66
CA SER B 31 -0.82 9.51 21.01
C SER B 31 0.15 10.69 21.06
N ALA B 32 0.99 10.80 20.02
CA ALA B 32 1.98 11.90 19.95
C ALA B 32 1.27 13.23 19.74
N LEU B 33 0.19 13.22 18.95
CA LEU B 33 -0.59 14.44 18.71
C LEU B 33 -1.08 15.00 20.03
N ALA B 34 -1.65 14.10 20.83
CA ALA B 34 -2.20 14.46 22.12
C ALA B 34 -1.08 14.89 23.05
N LEU B 35 -0.01 14.10 23.13
CA LEU B 35 1.07 14.37 24.06
C LEU B 35 1.82 15.65 23.75
N SER B 36 1.84 16.02 22.47
CA SER B 36 2.53 17.23 22.01
C SER B 36 2.03 18.50 22.72
N ARG B 37 0.86 18.42 23.36
CA ARG B 37 0.32 19.57 24.10
C ARG B 37 0.93 19.70 25.51
N PHE B 38 1.70 18.69 25.92
CA PHE B 38 2.22 18.55 27.28
C PHE B 38 3.75 18.42 27.39
N CYS B 39 4.40 18.03 26.30
CA CYS B 39 5.84 17.76 26.31
C CYS B 39 6.46 17.86 24.92
N ASP B 40 7.79 18.02 24.91
CA ASP B 40 8.58 17.80 23.72
C ASP B 40 8.55 16.31 23.42
N VAL B 41 7.96 15.93 22.28
CA VAL B 41 7.81 14.52 21.95
C VAL B 41 8.88 14.06 20.98
N GLU B 42 9.40 12.85 21.22
CA GLU B 42 10.13 12.11 20.21
C GLU B 42 9.30 10.88 19.83
N ILE B 43 9.13 10.63 18.52
CA ILE B 43 8.43 9.44 18.05
C ILE B 43 9.50 8.47 17.56
N LEU B 44 9.55 7.29 18.18
CA LEU B 44 10.37 6.18 17.70
C LEU B 44 9.48 5.23 16.93
N THR B 45 9.72 5.14 15.63
CA THR B 45 8.86 4.38 14.76
C THR B 45 9.69 3.60 13.73
N SER B 46 9.03 2.93 12.78
CA SER B 46 9.71 2.27 11.68
C SER B 46 8.85 2.33 10.43
N PHE B 47 9.48 2.62 9.29
CA PHE B 47 8.85 2.51 7.97
C PHE B 47 9.96 2.50 6.91
N SER B 48 9.66 2.00 5.71
CA SER B 48 10.59 2.07 4.60
C SER B 48 10.39 3.33 3.74
N ASN B 49 9.14 3.69 3.49
CA ASN B 49 8.81 4.87 2.68
C ASN B 49 7.47 5.45 3.08
N LEU B 50 7.42 6.76 3.24
CA LEU B 50 6.17 7.47 3.39
C LEU B 50 6.23 8.77 2.56
N PRO B 51 5.07 9.29 2.13
CA PRO B 51 5.04 10.58 1.42
C PRO B 51 5.75 11.67 2.22
N GLU B 52 6.54 12.49 1.53
CA GLU B 52 7.25 13.58 2.20
C GLU B 52 6.39 14.51 3.05
N GLU B 53 5.16 14.77 2.62
CA GLU B 53 4.22 15.63 3.38
C GLU B 53 3.91 15.06 4.77
N TRP B 54 3.70 13.75 4.84
CA TRP B 54 3.45 13.06 6.10
C TRP B 54 4.70 13.06 6.98
N ILE B 55 5.88 12.86 6.37
CA ILE B 55 7.14 12.90 7.17
C ILE B 55 7.30 14.31 7.76
N LYS B 56 7.04 15.33 6.94
CA LYS B 56 7.07 16.73 7.44
C LYS B 56 6.03 16.99 8.54
N GLU B 57 4.84 16.41 8.43
CA GLU B 57 3.86 16.54 9.52
C GLU B 57 4.38 15.90 10.81
N LEU B 58 4.90 14.68 10.72
CA LEU B 58 5.53 14.02 11.89
C LEU B 58 6.63 14.88 12.52
N GLU B 59 7.46 15.46 11.66
CA GLU B 59 8.63 16.25 12.10
C GLU B 59 8.28 17.58 12.72
N SER B 60 7.12 18.13 12.36
CA SER B 60 6.65 19.40 12.89
C SER B 60 6.11 19.25 14.31
N MET B 61 5.70 18.03 14.67
CA MET B 61 5.14 17.78 15.99
C MET B 61 6.08 17.04 16.94
N ALA B 62 7.16 16.49 16.40
CA ALA B 62 8.04 15.62 17.15
C ALA B 62 9.42 15.50 16.53
N LYS B 63 10.40 15.12 17.33
CA LYS B 63 11.64 14.56 16.82
C LYS B 63 11.29 13.17 16.30
N LEU B 64 11.70 12.87 15.08
CA LEU B 64 11.37 11.60 14.44
C LEU B 64 12.58 10.71 14.34
N GLN B 65 12.53 9.54 14.98
CA GLN B 65 13.60 8.55 14.87
C GLN B 65 13.03 7.31 14.21
N VAL B 66 13.62 6.93 13.10
CA VAL B 66 13.05 5.88 12.26
C VAL B 66 13.96 4.68 12.22
N VAL B 67 13.48 3.58 12.79
CA VAL B 67 14.18 2.30 12.73
C VAL B 67 14.13 1.82 11.27
N PRO B 68 15.28 1.48 10.67
CA PRO B 68 15.26 1.10 9.25
C PRO B 68 14.38 -0.12 8.98
N SER B 69 13.76 -0.14 7.82
CA SER B 69 12.82 -1.19 7.46
C SER B 69 12.73 -1.33 5.95
N GLU B 70 12.43 -2.54 5.48
CA GLU B 70 12.19 -2.77 4.06
C GLU B 70 10.70 -2.60 3.79
N THR B 71 9.92 -2.56 4.87
CA THR B 71 8.47 -2.52 4.73
C THR B 71 7.86 -1.35 5.52
N THR B 72 6.62 -1.01 5.17
CA THR B 72 5.91 0.08 5.81
C THR B 72 4.59 -0.49 6.30
N THR B 73 4.25 -0.22 7.54
CA THR B 73 2.96 -0.69 8.05
C THR B 73 1.80 0.02 7.35
N THR B 74 0.91 -0.80 6.78
CA THR B 74 -0.14 -0.37 5.88
C THR B 74 -1.45 -1.07 6.22
N TYR B 75 -2.52 -0.29 6.31
CA TYR B 75 -3.84 -0.82 6.54
C TYR B 75 -4.83 -0.40 5.47
N GLU B 76 -5.84 -1.25 5.27
CA GLU B 76 -7.04 -0.85 4.55
C GLU B 76 -8.14 -0.58 5.58
N LEU B 77 -8.67 0.64 5.60
CA LEU B 77 -9.70 1.02 6.55
C LEU B 77 -10.97 1.32 5.79
N THR B 78 -12.01 0.50 6.00
CA THR B 78 -13.27 0.70 5.29
C THR B 78 -14.30 1.15 6.28
N TYR B 79 -14.90 2.32 6.02
CA TYR B 79 -16.02 2.79 6.83
C TYR B 79 -17.30 2.20 6.26
N LEU B 80 -18.02 1.45 7.09
CA LEU B 80 -19.32 0.95 6.71
C LEU B 80 -20.40 1.77 7.43
N ASP B 81 -21.60 1.22 7.64
CA ASP B 81 -22.66 2.00 8.27
C ASP B 81 -22.42 2.34 9.75
N GLY B 82 -22.77 3.57 10.10
CA GLY B 82 -22.63 4.08 11.45
C GLY B 82 -21.22 3.92 11.95
N ASN B 83 -21.07 3.16 13.02
CA ASN B 83 -19.77 2.94 13.64
C ASN B 83 -19.01 1.74 13.09
N ARG B 84 -19.67 0.95 12.24
CA ARG B 84 -19.06 -0.24 11.70
C ARG B 84 -17.88 0.08 10.76
N ARG B 85 -16.75 -0.56 11.06
CA ARG B 85 -15.50 -0.36 10.34
C ARG B 85 -14.79 -1.70 10.15
N ARG B 86 -14.33 -1.96 8.92
CA ARG B 86 -13.50 -3.09 8.60
C ARG B 86 -12.03 -2.63 8.53
N LEU B 87 -11.17 -3.26 9.33
CA LEU B 87 -9.76 -2.89 9.33
C LEU B 87 -8.91 -4.09 8.97
N LYS B 88 -8.00 -3.90 8.02
CA LYS B 88 -7.16 -5.01 7.55
C LYS B 88 -5.70 -4.58 7.47
N LEU B 89 -4.82 -5.36 8.09
CA LEU B 89 -3.37 -5.13 8.00
C LEU B 89 -2.85 -5.72 6.68
N LEU B 90 -2.20 -4.88 5.88
N LEU B 90 -2.23 -4.89 5.85
CA LEU B 90 -1.70 -5.30 4.58
CA LEU B 90 -1.68 -5.35 4.57
C LEU B 90 -0.21 -5.63 4.56
C LEU B 90 -0.21 -5.73 4.65
N GLU B 91 0.54 -5.02 5.49
CA GLU B 91 2.00 -5.09 5.51
C GLU B 91 2.44 -4.49 6.85
N ARG B 92 3.54 -4.97 7.39
N ARG B 92 3.55 -4.98 7.40
CA ARG B 92 4.06 -4.43 8.65
CA ARG B 92 4.07 -4.46 8.66
C ARG B 92 5.56 -4.16 8.61
C ARG B 92 5.56 -4.14 8.58
N ALA B 93 5.95 -2.99 9.12
CA ALA B 93 7.38 -2.59 9.22
C ALA B 93 8.14 -3.42 10.26
N SER B 94 9.43 -3.08 10.41
CA SER B 94 10.34 -3.83 11.27
C SER B 94 9.94 -3.74 12.73
N PRO B 95 10.22 -4.80 13.51
CA PRO B 95 9.98 -4.74 14.94
C PRO B 95 10.86 -3.67 15.56
N ILE B 96 10.43 -3.14 16.71
CA ILE B 96 11.20 -2.12 17.43
C ILE B 96 11.61 -2.78 18.74
N GLU B 97 12.89 -3.14 18.83
CA GLU B 97 13.34 -4.04 19.88
C GLU B 97 14.34 -3.45 20.87
N GLU B 98 14.74 -2.21 20.64
CA GLU B 98 15.62 -1.45 21.52
C GLU B 98 15.09 -0.03 21.70
N LEU B 99 15.38 0.60 22.82
CA LEU B 99 15.07 2.01 22.94
C LEU B 99 16.34 2.83 22.83
N PRO B 100 16.24 4.08 22.33
CA PRO B 100 17.44 4.91 22.23
C PRO B 100 17.85 5.48 23.58
N ASP B 101 19.13 5.78 23.74
CA ASP B 101 19.58 6.48 24.91
C ASP B 101 19.03 7.89 24.88
N GLY B 102 18.71 8.40 26.06
CA GLY B 102 18.23 9.77 26.16
C GLY B 102 17.50 9.96 27.47
N GLU B 103 17.30 11.21 27.81
CA GLU B 103 16.51 11.55 28.97
C GLU B 103 15.08 11.72 28.48
N TYR B 104 14.15 11.00 29.11
CA TYR B 104 12.73 11.18 28.86
C TYR B 104 12.04 11.07 30.19
N ASP B 105 11.06 11.93 30.40
CA ASP B 105 10.25 11.90 31.61
C ASP B 105 9.14 10.86 31.49
N VAL B 106 8.64 10.68 30.27
CA VAL B 106 7.47 9.79 30.01
C VAL B 106 7.76 8.94 28.76
N LEU B 107 7.50 7.63 28.86
CA LEU B 107 7.49 6.74 27.71
C LEU B 107 6.07 6.28 27.48
N LEU B 108 5.64 6.29 26.22
CA LEU B 108 4.32 5.77 25.88
C LEU B 108 4.48 4.74 24.76
N MET B 109 4.14 3.48 25.06
CA MET B 109 4.26 2.38 24.12
C MET B 109 2.91 2.19 23.48
N ASN B 110 2.82 2.45 22.17
CA ASN B 110 1.58 2.25 21.42
C ASN B 110 1.83 1.56 20.07
N PRO B 111 2.08 0.24 20.09
CA PRO B 111 2.26 -0.50 18.84
C PRO B 111 0.92 -0.75 18.13
N VAL B 112 0.96 -1.19 16.88
CA VAL B 112 -0.26 -1.55 16.18
C VAL B 112 -0.44 -3.05 16.01
N ALA B 113 0.68 -3.76 15.89
CA ALA B 113 0.63 -5.19 15.57
C ALA B 113 1.88 -5.92 16.02
N ARG B 114 2.11 -5.90 17.34
CA ARG B 114 3.21 -6.66 17.99
C ARG B 114 4.62 -6.28 17.58
N GLU B 115 4.81 -5.07 17.04
CA GLU B 115 6.17 -4.63 16.71
C GLU B 115 7.00 -4.30 17.95
N VAL B 116 6.35 -4.06 19.09
CA VAL B 116 7.03 -3.81 20.35
C VAL B 116 6.84 -5.06 21.18
N PRO B 117 7.93 -5.80 21.46
CA PRO B 117 7.73 -7.04 22.22
C PRO B 117 7.56 -6.72 23.70
N PRO B 118 6.82 -7.59 24.43
CA PRO B 118 6.66 -7.40 25.86
C PRO B 118 8.01 -7.23 26.56
N ALA B 119 9.04 -7.92 26.08
CA ALA B 119 10.40 -7.78 26.64
C ALA B 119 10.91 -6.33 26.68
N LEU B 120 10.49 -5.51 25.73
CA LEU B 120 10.97 -4.12 25.69
C LEU B 120 10.26 -3.30 26.75
N VAL B 121 9.00 -3.63 27.02
CA VAL B 121 8.28 -2.99 28.11
C VAL B 121 8.99 -3.28 29.45
N THR B 122 9.35 -4.54 29.65
CA THR B 122 10.05 -4.99 30.85
C THR B 122 11.38 -4.24 31.02
N SER B 123 12.18 -4.22 29.95
CA SER B 123 13.42 -3.43 29.89
C SER B 123 13.20 -1.99 30.28
N ALA B 124 12.26 -1.34 29.62
CA ALA B 124 11.96 0.07 29.84
C ALA B 124 11.62 0.39 31.28
N LEU B 125 10.85 -0.50 31.92
CA LEU B 125 10.44 -0.29 33.31
C LEU B 125 11.64 -0.20 34.26
N LYS B 126 12.77 -0.79 33.84
CA LYS B 126 13.97 -0.75 34.66
C LYS B 126 14.61 0.63 34.61
N LYS B 127 14.41 1.31 33.48
CA LYS B 127 15.09 2.58 33.18
C LYS B 127 14.22 3.81 33.48
N PHE B 128 12.91 3.70 33.24
CA PHE B 128 11.98 4.83 33.28
C PHE B 128 10.90 4.63 34.34
N PRO B 129 10.79 5.57 35.31
CA PRO B 129 9.74 5.44 36.33
C PRO B 129 8.32 5.58 35.81
N PHE B 130 8.16 6.19 34.63
CA PHE B 130 6.83 6.50 34.12
C PHE B 130 6.68 5.92 32.71
N VAL B 131 6.06 4.76 32.65
CA VAL B 131 5.78 4.10 31.37
C VAL B 131 4.28 3.97 31.20
N ALA B 132 3.77 4.48 30.08
CA ALA B 132 2.36 4.32 29.72
C ALA B 132 2.26 3.34 28.55
N VAL B 133 1.17 2.56 28.51
CA VAL B 133 1.06 1.52 27.49
C VAL B 133 -0.37 1.45 26.97
N ASP B 134 -0.52 1.36 25.66
CA ASP B 134 -1.81 0.93 25.14
C ASP B 134 -1.72 -0.55 24.79
N ILE B 135 -2.71 -1.34 25.24
CA ILE B 135 -2.59 -2.78 25.02
C ILE B 135 -2.94 -3.25 23.62
N GLN B 136 -3.57 -2.40 22.82
CA GLN B 136 -4.23 -2.91 21.63
C GLN B 136 -3.26 -3.66 20.71
N GLY B 137 -2.09 -3.06 20.49
CA GLY B 137 -1.09 -3.63 19.60
C GLY B 137 -0.27 -4.76 20.17
N PHE B 138 -0.49 -5.10 21.44
CA PHE B 138 0.10 -6.29 22.06
C PHE B 138 -0.84 -7.49 21.94
N ILE B 139 -2.14 -7.24 21.92
CA ILE B 139 -3.12 -8.34 21.78
C ILE B 139 -3.54 -8.66 20.34
N ARG B 140 -3.54 -7.64 19.46
N ARG B 140 -3.51 -7.66 19.46
CA ARG B 140 -3.83 -7.86 18.05
CA ARG B 140 -3.81 -7.91 18.06
C ARG B 140 -2.78 -8.84 17.52
C ARG B 140 -2.77 -8.88 17.55
N SER B 141 -3.21 -9.83 16.73
CA SER B 141 -2.27 -10.74 16.08
C SER B 141 -1.54 -9.99 14.95
N SER B 142 -0.30 -10.38 14.68
CA SER B 142 0.56 -9.62 13.76
C SER B 142 0.45 -10.08 12.30
N SER B 143 -0.15 -11.22 12.05
CA SER B 143 -0.29 -11.68 10.67
C SER B 143 -1.22 -10.76 9.86
N PRO B 144 -0.93 -10.58 8.55
CA PRO B 144 -1.74 -9.67 7.72
C PRO B 144 -3.17 -10.15 7.54
N GLY B 145 -4.09 -9.21 7.41
CA GLY B 145 -5.48 -9.53 7.19
C GLY B 145 -6.37 -8.84 8.19
N GLU B 146 -7.63 -9.26 8.23
CA GLU B 146 -8.60 -8.65 9.13
C GLU B 146 -8.10 -8.75 10.55
N ILE B 147 -8.27 -7.70 11.33
CA ILE B 147 -7.75 -7.62 12.69
C ILE B 147 -8.37 -8.72 13.54
N GLN B 148 -7.55 -9.40 14.32
CA GLN B 148 -8.03 -10.39 15.25
C GLN B 148 -7.18 -10.35 16.49
N TYR B 149 -7.67 -11.00 17.54
CA TYR B 149 -7.00 -10.98 18.84
C TYR B 149 -6.62 -12.40 19.27
N GLN B 150 -5.50 -12.48 19.97
CA GLN B 150 -5.08 -13.72 20.62
C GLN B 150 -4.67 -13.37 22.04
N PRO B 151 -5.02 -14.23 23.01
CA PRO B 151 -4.70 -13.87 24.39
C PRO B 151 -3.20 -13.84 24.67
N ILE B 152 -2.78 -12.91 25.52
CA ILE B 152 -1.40 -12.84 25.95
C ILE B 152 -1.34 -12.81 27.47
N ASP B 153 -0.17 -13.14 28.01
CA ASP B 153 0.07 -13.02 29.44
C ASP B 153 0.41 -11.56 29.80
N GLY B 154 -0.08 -11.12 30.96
CA GLY B 154 0.09 -9.73 31.39
C GLY B 154 1.09 -9.43 32.51
N SER B 155 1.88 -10.44 32.92
N SER B 155 1.87 -10.44 32.93
CA SER B 155 2.85 -10.21 33.99
CA SER B 155 2.86 -10.22 33.99
C SER B 155 3.89 -9.15 33.66
C SER B 155 3.92 -9.17 33.66
N PHE B 156 4.22 -9.04 32.37
CA PHE B 156 5.21 -8.06 31.87
C PHE B 156 4.84 -6.63 32.22
N LEU B 157 3.54 -6.40 32.43
CA LEU B 157 2.99 -5.06 32.66
C LEU B 157 3.13 -4.58 34.11
N LYS B 158 3.58 -5.45 35.02
CA LYS B 158 3.68 -5.05 36.44
C LYS B 158 4.65 -3.87 36.52
N GLY B 159 4.18 -2.73 37.02
CA GLY B 159 5.04 -1.55 37.16
C GLY B 159 4.70 -0.43 36.21
N VAL B 160 3.93 -0.77 35.18
CA VAL B 160 3.42 0.23 34.23
C VAL B 160 2.59 1.29 34.97
N LYS B 161 2.82 2.57 34.64
CA LYS B 161 2.10 3.64 35.31
C LYS B 161 0.65 3.76 34.81
N ILE B 162 0.44 3.72 33.49
CA ILE B 162 -0.91 3.87 32.90
C ILE B 162 -1.06 2.84 31.81
N LEU B 163 -2.14 2.05 31.88
CA LEU B 163 -2.43 1.07 30.85
C LEU B 163 -3.82 1.35 30.33
N HIS B 164 -3.94 1.40 29.01
CA HIS B 164 -5.24 1.59 28.39
C HIS B 164 -5.62 0.36 27.58
N ALA B 165 -6.88 -0.06 27.75
CA ALA B 165 -7.47 -1.08 26.90
C ALA B 165 -8.93 -0.74 26.61
N ASP B 166 -9.46 -1.33 25.55
CA ASP B 166 -10.90 -1.32 25.33
C ASP B 166 -11.55 -2.43 26.17
N LEU B 167 -12.69 -2.10 26.77
CA LEU B 167 -13.48 -3.03 27.58
C LEU B 167 -13.72 -4.36 26.90
N GLY B 168 -14.14 -4.30 25.63
CA GLY B 168 -14.48 -5.49 24.85
C GLY B 168 -13.31 -6.37 24.47
N GLU B 169 -12.10 -5.87 24.69
CA GLU B 169 -10.87 -6.60 24.37
C GLU B 169 -10.08 -7.03 25.62
N TYR B 170 -10.59 -6.67 26.79
CA TYR B 170 -9.94 -7.03 28.05
C TYR B 170 -9.77 -8.54 28.23
N GLN B 171 -10.72 -9.33 27.74
CA GLN B 171 -10.62 -10.79 27.78
C GLN B 171 -9.28 -11.34 27.25
N TYR B 172 -8.63 -10.62 26.34
CA TYR B 172 -7.38 -11.09 25.74
C TYR B 172 -6.17 -10.80 26.61
N LEU B 173 -6.35 -9.96 27.63
CA LEU B 173 -5.25 -9.65 28.52
C LEU B 173 -5.36 -10.57 29.72
N GLN B 174 -4.77 -11.76 29.59
CA GLN B 174 -4.83 -12.81 30.61
C GLN B 174 -3.65 -12.73 31.58
N GLY B 175 -3.73 -13.42 32.72
CA GLY B 175 -2.67 -13.36 33.73
C GLY B 175 -2.42 -11.92 34.15
N PHE B 176 -3.49 -11.21 34.46
CA PHE B 176 -3.38 -9.78 34.71
C PHE B 176 -4.48 -9.36 35.68
N SER B 177 -4.11 -8.47 36.61
N SER B 177 -4.13 -8.47 36.61
CA SER B 177 -5.06 -7.82 37.50
CA SER B 177 -5.14 -7.83 37.44
C SER B 177 -4.82 -6.31 37.50
C SER B 177 -4.84 -6.32 37.50
N PRO B 178 -5.89 -5.51 37.68
CA PRO B 178 -5.71 -4.07 37.65
C PRO B 178 -4.64 -3.55 38.60
N GLU B 179 -4.48 -4.17 39.75
CA GLU B 179 -3.47 -3.67 40.67
C GLU B 179 -2.02 -3.81 40.16
N PHE B 180 -1.79 -4.55 39.07
CA PHE B 180 -0.45 -4.63 38.44
C PHE B 180 0.09 -3.25 37.96
N VAL B 181 -0.83 -2.35 37.64
CA VAL B 181 -0.51 -1.03 37.08
C VAL B 181 -1.04 0.09 37.99
N ASP B 182 -0.46 1.29 37.96
CA ASP B 182 -0.99 2.36 38.81
C ASP B 182 -2.39 2.75 38.36
N VAL B 183 -2.54 2.99 37.07
CA VAL B 183 -3.84 3.36 36.49
C VAL B 183 -4.21 2.43 35.34
N LEU B 184 -5.40 1.84 35.40
CA LEU B 184 -5.94 1.06 34.29
C LEU B 184 -7.11 1.84 33.74
N LEU B 185 -7.10 2.12 32.44
CA LEU B 185 -8.21 2.80 31.81
C LEU B 185 -8.88 1.80 30.88
N LEU B 186 -10.15 1.48 31.15
CA LEU B 186 -10.91 0.58 30.27
C LEU B 186 -12.03 1.40 29.62
N SER B 187 -11.81 1.82 28.38
CA SER B 187 -12.82 2.65 27.74
C SER B 187 -13.81 1.79 26.94
N ASN B 188 -14.94 2.39 26.58
CA ASN B 188 -15.96 1.66 25.82
C ASN B 188 -16.67 2.60 24.83
N GLY B 189 -15.88 3.33 24.05
CA GLY B 189 -16.44 4.22 23.04
C GLY B 189 -17.21 5.35 23.69
N PRO B 190 -18.39 5.69 23.15
CA PRO B 190 -19.21 6.72 23.82
C PRO B 190 -19.93 6.24 25.09
N GLU B 191 -19.82 4.94 25.38
N GLU B 191 -19.84 4.94 25.37
CA GLU B 191 -20.48 4.34 26.56
CA GLU B 191 -20.48 4.35 26.56
C GLU B 191 -19.61 4.43 27.83
C GLU B 191 -19.60 4.43 27.82
N PRO B 192 -20.21 4.25 29.02
CA PRO B 192 -19.50 4.31 30.31
C PRO B 192 -18.25 3.46 30.38
N GLY B 193 -17.21 4.01 30.97
CA GLY B 193 -15.93 3.32 31.08
C GLY B 193 -15.58 2.98 32.51
N LYS B 194 -14.51 2.21 32.68
CA LYS B 194 -14.04 1.91 34.04
C LYS B 194 -12.62 2.35 34.13
N ALA B 195 -12.22 2.80 35.32
CA ALA B 195 -10.81 3.11 35.57
C ALA B 195 -10.42 2.63 36.96
N PHE B 196 -9.18 2.19 37.11
CA PHE B 196 -8.72 1.72 38.42
C PHE B 196 -7.51 2.52 38.80
N LEU B 197 -7.47 2.97 40.06
CA LEU B 197 -6.29 3.63 40.59
C LEU B 197 -5.80 2.73 41.70
N HIS B 198 -4.64 2.12 41.48
CA HIS B 198 -4.12 1.11 42.43
C HIS B 198 -5.20 0.08 42.78
N GLY B 199 -5.91 -0.40 41.76
CA GLY B 199 -6.92 -1.44 41.94
C GLY B 199 -8.28 -0.96 42.45
N ARG B 200 -8.38 0.33 42.77
CA ARG B 200 -9.63 0.92 43.23
C ARG B 200 -10.47 1.39 42.07
N GLU B 201 -11.68 0.85 41.95
CA GLU B 201 -12.51 1.06 40.78
C GLU B 201 -13.25 2.41 40.79
N TYR B 202 -13.23 3.04 39.62
CA TYR B 202 -14.02 4.22 39.34
C TYR B 202 -14.79 3.96 38.06
N THR B 203 -15.90 4.66 37.87
CA THR B 203 -16.53 4.68 36.56
C THR B 203 -16.41 6.08 35.99
N PHE B 204 -16.48 6.21 34.68
CA PHE B 204 -16.53 7.51 34.04
C PHE B 204 -17.47 7.46 32.82
N GLU B 205 -18.16 8.56 32.55
CA GLU B 205 -19.10 8.58 31.42
C GLU B 205 -18.61 9.64 30.45
N PRO B 206 -18.07 9.22 29.29
CA PRO B 206 -17.64 10.14 28.24
C PRO B 206 -18.74 11.09 27.78
N VAL B 207 -18.34 12.15 27.10
CA VAL B 207 -19.24 13.24 26.74
C VAL B 207 -19.82 13.06 25.33
N HIS B 208 -21.16 12.98 25.28
CA HIS B 208 -21.96 12.61 24.08
C HIS B 208 -21.46 11.41 23.27
N SER B 214 -14.64 8.86 15.24
CA SER B 214 -14.04 8.19 16.41
C SER B 214 -12.60 7.70 16.15
N THR B 215 -12.12 7.82 14.91
CA THR B 215 -10.77 7.38 14.52
C THR B 215 -9.69 7.96 15.45
N GLY B 216 -8.94 7.08 16.12
CA GLY B 216 -7.85 7.49 17.01
C GLY B 216 -8.27 7.93 18.41
N ALA B 217 -9.56 7.85 18.71
CA ALA B 217 -10.03 8.36 20.01
C ALA B 217 -9.31 7.73 21.21
N GLY B 218 -9.21 6.39 21.24
CA GLY B 218 -8.53 5.70 22.35
C GLY B 218 -7.07 6.12 22.51
N ASP B 219 -6.42 6.44 21.38
CA ASP B 219 -5.03 6.85 21.38
C ASP B 219 -4.87 8.28 21.90
N VAL B 220 -5.78 9.15 21.47
CA VAL B 220 -5.84 10.53 21.96
C VAL B 220 -6.13 10.51 23.47
N PHE B 221 -7.08 9.66 23.89
CA PHE B 221 -7.45 9.55 25.31
C PHE B 221 -6.27 9.14 26.18
N LEU B 222 -5.55 8.10 25.73
CA LEU B 222 -4.36 7.71 26.48
C LEU B 222 -3.30 8.81 26.52
N GLY B 223 -3.06 9.45 25.38
CA GLY B 223 -2.03 10.49 25.32
C GLY B 223 -2.39 11.66 26.23
N ALA B 224 -3.65 12.09 26.14
CA ALA B 224 -4.13 13.20 26.96
C ALA B 224 -4.09 12.83 28.46
N PHE B 225 -4.52 11.60 28.77
CA PHE B 225 -4.52 11.19 30.17
C PHE B 225 -3.08 11.20 30.72
N THR B 226 -2.16 10.68 29.93
CA THR B 226 -0.74 10.65 30.30
C THR B 226 -0.28 12.07 30.56
N GLY B 227 -0.67 12.98 29.66
CA GLY B 227 -0.36 14.41 29.85
C GLY B 227 -0.92 15.01 31.13
N PHE B 228 -2.21 14.87 31.35
CA PHE B 228 -2.82 15.44 32.53
C PHE B 228 -2.36 14.78 33.83
N TYR B 229 -2.16 13.47 33.80
CA TYR B 229 -1.72 12.73 35.00
C TYR B 229 -0.36 13.22 35.46
N SER B 230 0.42 13.74 34.51
CA SER B 230 1.72 14.34 34.79
C SER B 230 1.65 15.69 35.50
N GLN B 231 0.45 16.26 35.64
CA GLN B 231 0.29 17.57 36.30
C GLN B 231 -0.87 17.68 37.29
N CYS B 232 -1.79 16.72 37.30
CA CYS B 232 -2.90 16.82 38.26
C CYS B 232 -3.41 15.46 38.74
N PRO B 233 -4.20 15.46 39.82
CA PRO B 233 -4.67 14.20 40.39
C PRO B 233 -5.57 13.42 39.44
N PHE B 234 -5.67 12.12 39.73
CA PHE B 234 -6.37 11.14 38.94
C PHE B 234 -7.75 11.56 38.45
N VAL B 235 -8.63 11.98 39.36
CA VAL B 235 -10.04 12.25 38.95
C VAL B 235 -10.08 13.41 37.94
N GLN B 236 -9.38 14.49 38.27
N GLN B 236 -9.38 14.49 38.24
CA GLN B 236 -9.30 15.64 37.37
CA GLN B 236 -9.35 15.63 37.32
C GLN B 236 -8.64 15.27 36.04
C GLN B 236 -8.62 15.29 36.02
N ALA B 237 -7.59 14.45 36.10
CA ALA B 237 -6.88 13.97 34.90
C ALA B 237 -7.83 13.20 33.99
N LEU B 238 -8.66 12.36 34.61
CA LEU B 238 -9.62 11.55 33.85
C LEU B 238 -10.69 12.41 33.18
N LYS B 239 -11.26 13.35 33.93
CA LYS B 239 -12.26 14.27 33.40
C LYS B 239 -11.66 15.06 32.23
N ARG B 240 -10.47 15.61 32.46
CA ARG B 240 -9.83 16.44 31.43
C ARG B 240 -9.42 15.62 30.20
N ALA B 241 -8.97 14.38 30.41
CA ALA B 241 -8.57 13.54 29.28
C ALA B 241 -9.79 13.22 28.41
N ALA B 242 -10.90 12.86 29.05
CA ALA B 242 -12.16 12.65 28.35
C ALA B 242 -12.60 13.90 27.56
N ALA B 243 -12.49 15.07 28.18
CA ALA B 243 -12.93 16.31 27.55
C ALA B 243 -12.02 16.67 26.38
N PHE B 244 -10.72 16.49 26.58
CA PHE B 244 -9.71 16.70 25.53
C PHE B 244 -10.00 15.81 24.31
N THR B 245 -10.37 14.56 24.56
CA THR B 245 -10.64 13.59 23.49
C THR B 245 -11.88 14.04 22.69
N ALA B 246 -12.92 14.42 23.42
CA ALA B 246 -14.14 14.93 22.79
C ALA B 246 -13.87 16.15 21.92
N LEU B 247 -13.05 17.07 22.42
CA LEU B 247 -12.69 18.27 21.67
C LEU B 247 -11.82 17.95 20.47
N PHE B 248 -10.93 16.97 20.62
CA PHE B 248 -10.16 16.47 19.48
C PHE B 248 -11.08 15.90 18.37
N LEU B 249 -12.07 15.11 18.77
CA LEU B 249 -12.96 14.45 17.80
C LEU B 249 -13.83 15.46 17.07
N LYS B 250 -14.24 16.51 17.76
CA LYS B 250 -15.04 17.57 17.14
C LYS B 250 -14.22 18.27 16.06
N ASN B 251 -12.98 18.59 16.41
CA ASN B 251 -12.09 19.40 15.59
C ASN B 251 -11.24 18.60 14.59
N ARG B 252 -11.00 17.33 14.91
CA ARG B 252 -9.92 16.55 14.27
C ARG B 252 -8.59 17.31 14.38
N SER B 253 -8.40 17.99 15.50
CA SER B 253 -7.15 18.69 15.79
C SER B 253 -7.00 18.87 17.30
N VAL B 254 -5.79 19.19 17.73
CA VAL B 254 -5.52 19.48 19.14
C VAL B 254 -5.43 21.01 19.32
N ASP B 255 -6.28 21.71 18.58
CA ASP B 255 -6.30 23.16 18.52
C ASP B 255 -7.58 23.72 19.18
N PHE B 256 -7.58 23.72 20.51
CA PHE B 256 -8.67 24.25 21.35
C PHE B 256 -8.03 24.67 22.68
N SER B 257 -8.75 25.42 23.50
CA SER B 257 -8.16 25.99 24.72
C SER B 257 -8.33 25.10 25.94
N MET B 258 -7.53 25.38 26.97
N MET B 258 -7.55 25.35 26.98
CA MET B 258 -7.64 24.68 28.25
CA MET B 258 -7.71 24.59 28.21
C MET B 258 -8.96 25.05 28.91
C MET B 258 -8.93 25.07 29.02
N ASP B 259 -9.37 26.30 28.77
CA ASP B 259 -10.67 26.75 29.29
C ASP B 259 -11.77 25.89 28.69
N ASP B 260 -11.67 25.58 27.40
CA ASP B 260 -12.64 24.69 26.74
C ASP B 260 -12.62 23.30 27.39
N VAL B 261 -11.41 22.76 27.58
CA VAL B 261 -11.24 21.44 28.20
C VAL B 261 -11.90 21.45 29.59
N ASN B 262 -11.63 22.49 30.37
CA ASN B 262 -12.17 22.56 31.72
C ASN B 262 -13.69 22.68 31.79
N GLU B 263 -14.29 23.47 30.91
CA GLU B 263 -15.76 23.62 30.88
C GLU B 263 -16.39 22.26 30.60
N LEU B 264 -15.83 21.53 29.65
CA LEU B 264 -16.38 20.22 29.28
C LEU B 264 -16.08 19.17 30.37
N ALA B 265 -14.88 19.24 30.96
CA ALA B 265 -14.48 18.28 32.00
C ALA B 265 -15.47 18.25 33.16
N MET B 266 -16.05 19.40 33.53
CA MET B 266 -17.04 19.43 34.60
C MET B 266 -18.23 18.52 34.35
N LYS B 267 -18.55 18.33 33.08
CA LYS B 267 -19.72 17.52 32.70
CA LYS B 267 -19.72 17.53 32.68
C LYS B 267 -19.40 16.04 32.58
N VAL B 268 -18.14 15.68 32.77
CA VAL B 268 -17.75 14.29 32.71
C VAL B 268 -17.87 13.72 34.12
N GLU B 269 -18.76 12.76 34.31
N GLU B 269 -18.77 12.77 34.34
CA GLU B 269 -18.91 12.12 35.59
CA GLU B 269 -18.89 12.20 35.67
C GLU B 269 -17.76 11.14 35.83
C GLU B 269 -17.91 11.07 35.92
N VAL B 270 -17.17 11.18 37.02
CA VAL B 270 -16.20 10.18 37.46
C VAL B 270 -16.63 9.90 38.89
N LYS B 271 -16.84 8.62 39.20
CA LYS B 271 -17.35 8.24 40.51
C LYS B 271 -16.55 7.07 41.04
N ARG B 272 -16.07 7.19 42.28
N ARG B 272 -16.09 7.19 42.29
CA ARG B 272 -15.47 6.07 42.98
CA ARG B 272 -15.46 6.06 42.93
C ARG B 272 -16.57 5.07 43.33
C ARG B 272 -16.53 5.05 43.38
N VAL B 273 -16.40 3.83 42.90
CA VAL B 273 -17.38 2.76 43.18
C VAL B 273 -17.37 2.38 44.66
#